data_1F08
#
_entry.id   1F08
#
_cell.length_a   42.170
_cell.length_b   84.897
_cell.length_c   124.276
_cell.angle_alpha   90.00
_cell.angle_beta   90.00
_cell.angle_gamma   90.00
#
_symmetry.space_group_name_H-M   'P 21 21 21'
#
loop_
_entity.id
_entity.type
_entity.pdbx_description
1 polymer 'REPLICATION PROTEIN E1'
2 non-polymer 'BROMIDE ION'
3 water water
#
_entity_poly.entity_id   1
_entity_poly.type   'polypeptide(L)'
_entity_poly.pdbx_seq_one_letter_code
;GSRATVFKLGLFKSLFLCSFHDITRLFKNDKTTNQQWVLAVFGLAEVFFEASFELLKKQCSFLQMQKRSHEGGTCAVYLI
CFNTAKSRETVRNLMANMLNVREECLMLQPPKIRGLSAALFWFKSSLSPATLKHGALPEWIRAQTTLN
;
_entity_poly.pdbx_strand_id   A,B
#
# COMPACT_ATOMS: atom_id res chain seq x y z
N GLY A 1 -11.14 -11.49 -13.87
CA GLY A 1 -11.10 -12.87 -14.43
C GLY A 1 -9.72 -13.49 -14.27
N SER A 2 -9.45 -14.55 -15.03
CA SER A 2 -8.18 -15.26 -15.01
C SER A 2 -7.94 -16.08 -13.75
N ARG A 3 -8.42 -17.33 -13.75
CA ARG A 3 -8.22 -18.21 -12.61
C ARG A 3 -6.75 -18.61 -12.60
N ALA A 4 -6.35 -19.45 -13.55
CA ALA A 4 -4.95 -19.87 -13.65
C ALA A 4 -4.58 -20.65 -14.91
N THR A 5 -3.28 -20.78 -15.13
CA THR A 5 -2.76 -21.43 -16.33
C THR A 5 -1.68 -22.43 -16.01
N VAL A 6 -1.33 -23.23 -17.01
CA VAL A 6 -0.31 -24.23 -16.85
C VAL A 6 1.00 -23.56 -16.44
N PHE A 7 1.19 -22.31 -16.90
CA PHE A 7 2.41 -21.58 -16.62
C PHE A 7 2.45 -21.07 -15.17
N LYS A 8 1.33 -20.56 -14.67
CA LYS A 8 1.27 -20.09 -13.28
C LYS A 8 1.45 -21.30 -12.34
N LEU A 9 0.75 -22.40 -12.63
CA LEU A 9 0.87 -23.60 -11.81
C LEU A 9 2.30 -24.13 -11.83
N GLY A 10 2.92 -24.09 -13.02
CA GLY A 10 4.28 -24.58 -13.14
C GLY A 10 5.29 -23.81 -12.32
N LEU A 11 5.14 -22.49 -12.29
CA LEU A 11 6.04 -21.62 -11.52
C LEU A 11 5.82 -21.82 -10.02
N PHE A 12 4.56 -21.92 -9.60
CA PHE A 12 4.27 -22.16 -8.19
C PHE A 12 5.01 -23.41 -7.70
N LYS A 13 4.86 -24.51 -8.45
CA LYS A 13 5.50 -25.78 -8.12
C LYS A 13 7.03 -25.71 -8.12
N SER A 14 7.61 -24.99 -9.08
CA SER A 14 9.07 -24.89 -9.12
C SER A 14 9.61 -24.15 -7.89
N LEU A 15 8.85 -23.20 -7.36
CA LEU A 15 9.28 -22.44 -6.18
C LEU A 15 8.96 -23.12 -4.85
N PHE A 16 7.71 -23.55 -4.67
CA PHE A 16 7.26 -24.19 -3.42
C PHE A 16 7.34 -25.73 -3.36
N LEU A 17 7.86 -26.33 -4.43
CA LEU A 17 8.05 -27.78 -4.49
C LEU A 17 6.84 -28.68 -4.23
N CYS A 18 5.66 -28.21 -4.61
CA CYS A 18 4.44 -29.00 -4.47
C CYS A 18 3.40 -28.27 -5.31
N SER A 19 2.37 -29.00 -5.71
CA SER A 19 1.32 -28.41 -6.54
C SER A 19 0.33 -27.54 -5.76
N PHE A 20 -0.14 -26.47 -6.40
CA PHE A 20 -1.13 -25.57 -5.80
C PHE A 20 -2.40 -26.37 -5.53
N HIS A 21 -2.61 -27.44 -6.29
CA HIS A 21 -3.78 -28.29 -6.13
C HIS A 21 -3.72 -29.12 -4.84
N ASP A 22 -2.53 -29.34 -4.32
CA ASP A 22 -2.44 -30.17 -3.14
C ASP A 22 -2.69 -29.43 -1.82
N ILE A 23 -2.80 -28.09 -1.88
CA ILE A 23 -3.08 -27.31 -0.68
C ILE A 23 -4.42 -26.55 -0.73
N THR A 24 -5.21 -26.77 -1.80
CA THR A 24 -6.52 -26.10 -1.99
C THR A 24 -7.59 -27.12 -2.46
N ARG A 25 -8.86 -26.71 -2.44
CA ARG A 25 -9.95 -27.55 -2.94
C ARG A 25 -10.67 -26.64 -3.94
N LEU A 26 -11.62 -27.15 -4.72
CA LEU A 26 -12.22 -26.31 -5.78
C LEU A 26 -13.59 -25.67 -5.60
N PHE A 27 -13.67 -24.38 -5.93
CA PHE A 27 -14.94 -23.63 -5.92
C PHE A 27 -15.05 -23.19 -7.39
N LYS A 28 -15.95 -23.79 -8.18
CA LYS A 28 -16.06 -23.41 -9.59
C LYS A 28 -16.87 -22.12 -9.83
N ASN A 29 -17.74 -21.77 -8.88
CA ASN A 29 -18.59 -20.58 -8.97
C ASN A 29 -17.89 -19.37 -8.29
N ASP A 30 -17.72 -18.28 -9.03
CA ASP A 30 -17.08 -17.09 -8.47
C ASP A 30 -17.94 -16.36 -7.44
N LYS A 31 -19.18 -16.79 -7.23
CA LYS A 31 -20.06 -16.13 -6.26
C LYS A 31 -20.19 -16.79 -4.87
N THR A 32 -19.67 -18.01 -4.73
CA THR A 32 -19.76 -18.72 -3.45
C THR A 32 -18.88 -18.04 -2.42
N THR A 33 -19.44 -17.65 -1.27
CA THR A 33 -18.65 -16.98 -0.21
C THR A 33 -17.97 -17.96 0.74
N ASN A 34 -16.90 -17.49 1.41
CA ASN A 34 -16.16 -18.31 2.38
C ASN A 34 -15.20 -17.38 3.17
N GLN A 35 -14.98 -17.69 4.45
CA GLN A 35 -14.09 -16.91 5.27
C GLN A 35 -12.62 -17.20 4.92
N GLN A 36 -12.29 -18.48 4.69
CA GLN A 36 -10.90 -18.88 4.40
C GLN A 36 -10.56 -18.98 2.91
N TRP A 37 -9.42 -18.38 2.55
CA TRP A 37 -8.93 -18.36 1.17
C TRP A 37 -7.42 -18.55 1.05
N VAL A 38 -6.99 -19.24 -0.02
CA VAL A 38 -5.56 -19.40 -0.30
C VAL A 38 -5.34 -18.54 -1.56
N LEU A 39 -4.39 -17.61 -1.48
CA LEU A 39 -4.06 -16.69 -2.59
C LEU A 39 -2.61 -16.82 -3.05
N ALA A 40 -2.39 -16.95 -4.37
CA ALA A 40 -1.04 -16.97 -4.95
C ALA A 40 -0.96 -15.71 -5.86
N VAL A 41 0.13 -14.94 -5.76
CA VAL A 41 0.31 -13.69 -6.54
C VAL A 41 1.67 -13.71 -7.24
N PHE A 42 1.68 -13.52 -8.55
CA PHE A 42 2.91 -13.51 -9.36
C PHE A 42 3.31 -12.08 -9.73
N GLY A 43 4.61 -11.80 -9.76
CA GLY A 43 5.10 -10.48 -10.12
C GLY A 43 4.77 -9.35 -9.17
N LEU A 44 4.65 -9.66 -7.88
CA LEU A 44 4.31 -8.67 -6.86
C LEU A 44 5.51 -7.88 -6.31
N ALA A 45 5.36 -6.57 -6.13
CA ALA A 45 6.44 -5.74 -5.59
C ALA A 45 6.49 -5.86 -4.07
N GLU A 46 7.72 -5.89 -3.54
CA GLU A 46 7.96 -6.04 -2.12
C GLU A 46 7.19 -5.02 -1.24
N VAL A 47 7.18 -3.75 -1.64
CA VAL A 47 6.49 -2.74 -0.83
C VAL A 47 4.99 -3.05 -0.68
N PHE A 48 4.35 -3.58 -1.73
CA PHE A 48 2.92 -3.91 -1.62
C PHE A 48 2.66 -5.21 -0.82
N PHE A 49 3.60 -6.16 -0.89
CA PHE A 49 3.48 -7.40 -0.10
C PHE A 49 3.46 -6.98 1.39
N GLU A 50 4.41 -6.13 1.79
CA GLU A 50 4.49 -5.67 3.18
C GLU A 50 3.32 -4.81 3.65
N ALA A 51 2.81 -3.96 2.76
CA ALA A 51 1.69 -3.10 3.11
C ALA A 51 0.40 -3.94 3.27
N SER A 52 0.23 -4.97 2.44
CA SER A 52 -0.95 -5.81 2.51
C SER A 52 -1.05 -6.54 3.87
N PHE A 53 0.09 -6.84 4.49
CA PHE A 53 0.07 -7.51 5.79
C PHE A 53 -0.60 -6.60 6.83
N GLU A 54 -0.20 -5.32 6.89
CA GLU A 54 -0.80 -4.40 7.84
C GLU A 54 -2.28 -4.13 7.54
N LEU A 55 -2.66 -4.07 6.27
CA LEU A 55 -4.05 -3.80 5.94
C LEU A 55 -4.98 -5.01 6.18
N LEU A 56 -4.52 -6.23 5.88
CA LEU A 56 -5.37 -7.39 6.08
C LEU A 56 -5.54 -7.72 7.58
N LYS A 57 -4.54 -7.42 8.39
CA LYS A 57 -4.63 -7.68 9.82
C LYS A 57 -5.90 -7.08 10.42
N LYS A 58 -6.30 -5.91 9.94
CA LYS A 58 -7.50 -5.31 10.50
C LYS A 58 -8.84 -5.90 10.13
N GLN A 59 -8.88 -6.87 9.22
CA GLN A 59 -10.17 -7.48 8.85
C GLN A 59 -10.11 -9.01 8.85
N CYS A 60 -9.10 -9.55 9.53
CA CYS A 60 -8.87 -10.99 9.61
C CYS A 60 -8.67 -11.54 10.99
N SER A 61 -9.08 -12.79 11.19
CA SER A 61 -8.89 -13.50 12.45
C SER A 61 -7.55 -14.26 12.43
N PHE A 62 -7.04 -14.55 11.22
CA PHE A 62 -5.75 -15.25 11.04
C PHE A 62 -5.19 -14.91 9.68
N LEU A 63 -3.86 -14.85 9.59
CA LEU A 63 -3.15 -14.53 8.37
C LEU A 63 -1.72 -15.12 8.43
N GLN A 64 -1.28 -15.78 7.35
CA GLN A 64 0.09 -16.34 7.25
C GLN A 64 0.60 -16.00 5.84
N MET A 65 1.72 -15.29 5.72
CA MET A 65 2.26 -14.88 4.41
C MET A 65 3.72 -15.24 4.20
N GLN A 66 4.06 -15.61 2.98
CA GLN A 66 5.45 -15.93 2.65
C GLN A 66 5.66 -15.66 1.16
N LYS A 67 6.93 -15.64 0.73
CA LYS A 67 7.24 -15.33 -0.66
C LYS A 67 8.54 -16.00 -1.10
N ARG A 68 8.65 -16.34 -2.38
CA ARG A 68 9.87 -16.95 -2.93
C ARG A 68 10.11 -16.46 -4.34
N SER A 69 11.33 -16.66 -4.83
CA SER A 69 11.68 -16.23 -6.16
C SER A 69 12.99 -16.82 -6.67
N HIS A 70 13.10 -16.87 -8.00
CA HIS A 70 14.28 -17.36 -8.68
C HIS A 70 14.31 -16.72 -10.09
N GLU A 71 15.29 -17.09 -10.89
CA GLU A 71 15.45 -16.52 -12.24
C GLU A 71 14.19 -16.55 -13.09
N GLY A 72 13.34 -17.56 -12.90
CA GLY A 72 12.11 -17.67 -13.67
C GLY A 72 10.94 -16.77 -13.27
N GLY A 73 10.96 -16.30 -12.03
CA GLY A 73 9.87 -15.45 -11.60
C GLY A 73 9.73 -15.42 -10.10
N THR A 74 8.64 -14.82 -9.63
CA THR A 74 8.40 -14.72 -8.19
C THR A 74 6.96 -15.11 -7.85
N CYS A 75 6.72 -15.50 -6.61
CA CYS A 75 5.37 -15.89 -6.18
C CYS A 75 5.19 -15.71 -4.68
N ALA A 76 4.08 -15.08 -4.29
CA ALA A 76 3.79 -14.91 -2.86
C ALA A 76 2.54 -15.74 -2.55
N VAL A 77 2.49 -16.39 -1.39
CA VAL A 77 1.32 -17.19 -1.04
C VAL A 77 0.75 -16.73 0.29
N TYR A 78 -0.59 -16.67 0.39
CA TYR A 78 -1.28 -16.19 1.59
C TYR A 78 -2.34 -17.18 2.04
N LEU A 79 -2.47 -17.42 3.35
CA LEU A 79 -3.61 -18.21 3.87
C LEU A 79 -4.32 -17.09 4.65
N ILE A 80 -5.55 -16.74 4.23
CA ILE A 80 -6.32 -15.64 4.80
C ILE A 80 -7.64 -16.12 5.44
N CYS A 81 -7.88 -15.72 6.68
CA CYS A 81 -9.14 -16.07 7.33
C CYS A 81 -9.86 -14.74 7.64
N PHE A 82 -10.75 -14.30 6.74
CA PHE A 82 -11.50 -13.03 6.89
C PHE A 82 -12.51 -13.11 8.03
N ASN A 83 -12.77 -11.98 8.69
CA ASN A 83 -13.75 -11.98 9.77
C ASN A 83 -15.14 -12.24 9.18
N THR A 84 -15.36 -11.79 7.95
CA THR A 84 -16.63 -11.95 7.22
C THR A 84 -16.44 -12.76 5.92
N ALA A 85 -17.35 -13.69 5.61
CA ALA A 85 -17.23 -14.51 4.39
C ALA A 85 -17.28 -13.67 3.10
N LYS A 86 -16.42 -14.00 2.14
CA LYS A 86 -16.36 -13.28 0.85
C LYS A 86 -16.26 -14.23 -0.36
N SER A 87 -16.75 -13.79 -1.53
CA SER A 87 -16.71 -14.59 -2.77
C SER A 87 -15.38 -14.35 -3.51
N ARG A 88 -15.08 -15.18 -4.50
CA ARG A 88 -13.86 -14.97 -5.26
C ARG A 88 -13.94 -13.61 -5.98
N GLU A 89 -15.13 -13.24 -6.48
CA GLU A 89 -15.29 -11.95 -7.18
C GLU A 89 -14.86 -10.79 -6.28
N THR A 90 -15.35 -10.80 -5.05
CA THR A 90 -15.04 -9.76 -4.07
C THR A 90 -13.56 -9.73 -3.63
N VAL A 91 -12.99 -10.91 -3.36
CA VAL A 91 -11.59 -10.99 -2.91
C VAL A 91 -10.67 -10.57 -4.07
N ARG A 92 -11.03 -10.97 -5.28
CA ARG A 92 -10.27 -10.63 -6.48
C ARG A 92 -10.15 -9.10 -6.64
N ASN A 93 -11.27 -8.41 -6.52
CA ASN A 93 -11.32 -6.97 -6.66
C ASN A 93 -10.55 -6.29 -5.51
N LEU A 94 -10.73 -6.80 -4.31
CA LEU A 94 -10.04 -6.25 -3.13
C LEU A 94 -8.53 -6.33 -3.29
N MET A 95 -8.02 -7.53 -3.59
CA MET A 95 -6.58 -7.75 -3.69
C MET A 95 -5.87 -7.19 -4.94
N ALA A 96 -6.54 -7.13 -6.09
CA ALA A 96 -5.88 -6.57 -7.27
C ALA A 96 -5.62 -5.08 -7.01
N ASN A 97 -6.58 -4.42 -6.39
CA ASN A 97 -6.46 -3.00 -6.05
C ASN A 97 -5.41 -2.82 -4.94
N MET A 98 -5.54 -3.58 -3.87
CA MET A 98 -4.62 -3.47 -2.74
C MET A 98 -3.15 -3.72 -3.12
N LEU A 99 -2.90 -4.68 -4.00
CA LEU A 99 -1.53 -5.04 -4.37
C LEU A 99 -0.95 -4.36 -5.62
N ASN A 100 -1.76 -3.54 -6.27
CA ASN A 100 -1.39 -2.82 -7.48
C ASN A 100 -0.99 -3.81 -8.57
N VAL A 101 -1.81 -4.83 -8.79
CA VAL A 101 -1.53 -5.81 -9.86
C VAL A 101 -2.78 -6.13 -10.67
N ARG A 102 -2.57 -6.66 -11.88
CA ARG A 102 -3.67 -7.07 -12.76
C ARG A 102 -4.26 -8.33 -12.18
N GLU A 103 -5.54 -8.55 -12.43
CA GLU A 103 -6.23 -9.75 -11.92
C GLU A 103 -5.62 -11.06 -12.41
N GLU A 104 -4.95 -10.99 -13.56
CA GLU A 104 -4.31 -12.15 -14.16
C GLU A 104 -3.13 -12.62 -13.33
N CYS A 105 -2.65 -11.77 -12.43
CA CYS A 105 -1.52 -12.09 -11.58
C CYS A 105 -1.93 -12.93 -10.36
N LEU A 106 -3.22 -13.14 -10.17
CA LEU A 106 -3.72 -13.88 -9.01
C LEU A 106 -4.26 -15.29 -9.31
N MET A 107 -4.36 -16.11 -8.25
CA MET A 107 -4.95 -17.47 -8.27
C MET A 107 -5.63 -17.62 -6.90
N LEU A 108 -6.95 -17.88 -6.86
CA LEU A 108 -7.70 -17.99 -5.60
C LEU A 108 -8.59 -19.20 -5.46
N GLN A 109 -8.47 -19.93 -4.35
CA GLN A 109 -9.31 -21.11 -4.04
C GLN A 109 -9.31 -21.29 -2.51
N PRO A 110 -10.35 -21.92 -1.95
CA PRO A 110 -10.41 -22.16 -0.50
C PRO A 110 -9.39 -23.28 -0.17
N PRO A 111 -8.96 -23.40 1.10
CA PRO A 111 -7.98 -24.42 1.54
C PRO A 111 -8.50 -25.86 1.56
N LYS A 112 -7.57 -26.82 1.44
CA LYS A 112 -7.87 -28.25 1.54
C LYS A 112 -7.81 -28.42 3.06
N ILE A 113 -8.97 -28.63 3.69
CA ILE A 113 -8.99 -28.70 5.17
C ILE A 113 -8.88 -30.09 5.76
N ARG A 114 -8.77 -31.10 4.90
CA ARG A 114 -8.62 -32.48 5.36
C ARG A 114 -7.53 -33.13 4.51
N GLY A 115 -6.47 -33.59 5.18
CA GLY A 115 -5.33 -34.23 4.53
C GLY A 115 -4.06 -33.83 5.30
N LEU A 116 -3.30 -34.79 5.82
CA LEU A 116 -2.11 -34.45 6.60
C LEU A 116 -1.03 -33.63 5.86
N SER A 117 -0.71 -34.02 4.62
CA SER A 117 0.33 -33.27 3.90
C SER A 117 -0.06 -31.82 3.67
N ALA A 118 -1.36 -31.60 3.44
CA ALA A 118 -1.85 -30.24 3.23
C ALA A 118 -1.67 -29.46 4.53
N ALA A 119 -2.06 -30.03 5.67
CA ALA A 119 -1.88 -29.31 6.95
C ALA A 119 -0.40 -29.05 7.26
N LEU A 120 0.48 -30.00 6.93
CA LEU A 120 1.93 -29.80 7.17
C LEU A 120 2.56 -28.70 6.31
N PHE A 121 1.95 -28.36 5.17
CA PHE A 121 2.52 -27.27 4.34
C PHE A 121 2.52 -26.00 5.18
N TRP A 122 1.41 -25.73 5.87
CA TRP A 122 1.29 -24.53 6.70
C TRP A 122 2.09 -24.64 8.00
N PHE A 123 2.13 -25.82 8.59
CA PHE A 123 2.89 -26.02 9.83
C PHE A 123 4.37 -25.76 9.53
N LYS A 124 4.88 -26.30 8.42
CA LYS A 124 6.28 -26.11 8.03
C LYS A 124 6.60 -24.63 7.77
N SER A 125 5.65 -23.96 7.12
CA SER A 125 5.79 -22.54 6.84
C SER A 125 5.88 -21.71 8.15
N SER A 126 5.15 -22.10 9.18
CA SER A 126 5.17 -21.36 10.44
C SER A 126 6.51 -21.46 11.18
N LEU A 127 7.37 -22.36 10.72
CA LEU A 127 8.68 -22.55 11.36
C LEU A 127 9.80 -21.70 10.71
N SER A 128 9.48 -20.99 9.62
CA SER A 128 10.47 -20.14 8.97
C SER A 128 10.46 -18.78 9.66
N PRO A 129 11.64 -18.16 9.82
CA PRO A 129 11.69 -16.85 10.49
C PRO A 129 11.12 -15.73 9.61
N ALA A 130 11.22 -15.91 8.29
CA ALA A 130 10.76 -14.95 7.29
C ALA A 130 9.23 -14.85 7.12
N THR A 131 8.50 -15.88 7.55
CA THR A 131 7.04 -15.89 7.43
C THR A 131 6.36 -14.83 8.30
N LEU A 132 5.37 -14.11 7.77
CA LEU A 132 4.65 -13.10 8.54
C LEU A 132 3.40 -13.79 9.13
N LYS A 133 3.11 -13.53 10.41
CA LYS A 133 2.00 -14.21 11.06
C LYS A 133 1.15 -13.32 11.93
N HIS A 134 -0.14 -13.62 11.98
CA HIS A 134 -1.11 -12.88 12.79
C HIS A 134 -2.25 -13.81 13.21
N GLY A 135 -2.60 -13.78 14.48
CA GLY A 135 -3.70 -14.58 14.98
C GLY A 135 -3.47 -16.01 15.40
N ALA A 136 -4.54 -16.66 15.88
CA ALA A 136 -4.44 -18.05 16.31
C ALA A 136 -4.63 -19.02 15.14
N LEU A 137 -3.76 -20.03 15.10
CA LEU A 137 -3.78 -21.05 14.05
C LEU A 137 -5.16 -21.70 13.88
N PRO A 138 -5.60 -21.93 12.63
CA PRO A 138 -6.92 -22.56 12.44
C PRO A 138 -6.94 -23.98 13.07
N GLU A 139 -8.07 -24.31 13.68
CA GLU A 139 -8.25 -25.63 14.31
C GLU A 139 -7.98 -26.81 13.37
N TRP A 140 -8.32 -26.70 12.08
CA TRP A 140 -8.06 -27.84 11.21
C TRP A 140 -6.55 -28.13 11.05
N ILE A 141 -5.72 -27.09 11.15
CA ILE A 141 -4.27 -27.31 11.05
C ILE A 141 -3.77 -27.83 12.40
N ARG A 142 -4.17 -27.18 13.49
CA ARG A 142 -3.76 -27.59 14.85
C ARG A 142 -4.10 -29.05 15.16
N ALA A 143 -5.34 -29.44 14.90
CA ALA A 143 -5.79 -30.79 15.18
C ALA A 143 -5.06 -31.89 14.41
N GLN A 144 -4.82 -31.67 13.12
CA GLN A 144 -4.12 -32.69 12.33
C GLN A 144 -2.60 -32.74 12.58
N THR A 145 -2.02 -31.69 13.13
CA THR A 145 -0.57 -31.69 13.40
C THR A 145 -0.20 -31.86 14.89
N THR A 146 -1.13 -32.42 15.66
CA THR A 146 -0.92 -32.64 17.10
C THR A 146 -1.38 -34.03 17.55
N LEU A 147 -0.81 -34.50 18.68
CA LEU A 147 -1.13 -35.79 19.33
C LEU A 147 -0.04 -36.85 19.16
N ASN A 148 1.15 -36.52 19.68
CA ASN A 148 2.36 -37.36 19.67
C ASN A 148 3.50 -36.74 18.86
N ALA B 4 -4.60 19.81 18.53
CA ALA B 4 -3.13 19.62 18.37
C ALA B 4 -2.62 20.31 17.12
N THR B 5 -3.49 21.06 16.43
CA THR B 5 -3.08 21.77 15.23
C THR B 5 -1.94 22.74 15.54
N VAL B 6 -1.99 23.35 16.73
CA VAL B 6 -0.94 24.26 17.14
C VAL B 6 0.39 23.49 17.24
N PHE B 7 0.32 22.24 17.67
CA PHE B 7 1.54 21.42 17.78
C PHE B 7 1.94 20.77 16.45
N LYS B 8 0.99 20.58 15.54
CA LYS B 8 1.32 20.00 14.21
C LYS B 8 2.20 21.03 13.48
N LEU B 9 1.70 22.26 13.46
CA LEU B 9 2.39 23.39 12.84
C LEU B 9 3.80 23.54 13.40
N GLY B 10 3.94 23.35 14.71
CA GLY B 10 5.24 23.47 15.35
C GLY B 10 6.18 22.33 14.94
N LEU B 11 5.65 21.11 14.85
CA LEU B 11 6.47 19.98 14.44
C LEU B 11 6.92 20.15 12.99
N PHE B 12 5.99 20.58 12.12
CA PHE B 12 6.33 20.80 10.72
C PHE B 12 7.50 21.77 10.58
N LYS B 13 7.41 22.94 11.20
CA LYS B 13 8.49 23.93 11.10
C LYS B 13 9.80 23.45 11.69
N SER B 14 9.71 22.68 12.77
CA SER B 14 10.89 22.15 13.42
C SER B 14 11.66 21.23 12.48
N LEU B 15 10.92 20.40 11.74
CA LEU B 15 11.51 19.45 10.83
C LEU B 15 11.91 19.99 9.46
N PHE B 16 11.03 20.76 8.83
CA PHE B 16 11.31 21.30 7.49
C PHE B 16 11.91 22.69 7.42
N LEU B 17 12.03 23.35 8.57
CA LEU B 17 12.67 24.67 8.67
C LEU B 17 11.88 25.90 8.25
N CYS B 18 10.58 25.75 7.98
CA CYS B 18 9.74 26.88 7.61
C CYS B 18 8.30 26.54 7.92
N SER B 19 7.44 27.55 7.90
CA SER B 19 6.03 27.36 8.24
C SER B 19 5.16 26.82 7.09
N PHE B 20 4.28 25.87 7.40
CA PHE B 20 3.38 25.30 6.41
C PHE B 20 2.58 26.44 5.77
N HIS B 21 2.33 27.51 6.53
CA HIS B 21 1.59 28.66 6.02
C HIS B 21 2.34 29.48 4.98
N ASP B 22 3.66 29.42 5.01
CA ASP B 22 4.47 30.17 4.04
C ASP B 22 4.65 29.45 2.70
N ILE B 23 4.23 28.20 2.60
CA ILE B 23 4.34 27.52 1.31
C ILE B 23 2.96 27.19 0.72
N THR B 24 1.89 27.64 1.38
CA THR B 24 0.53 27.37 0.87
C THR B 24 -0.35 28.65 0.86
N ARG B 25 -1.52 28.57 0.22
CA ARG B 25 -2.49 29.68 0.22
C ARG B 25 -3.80 29.04 0.70
N LEU B 26 -4.79 29.85 1.07
CA LEU B 26 -6.03 29.29 1.64
C LEU B 26 -7.27 29.07 0.81
N PHE B 27 -7.85 27.89 0.95
CA PHE B 27 -9.13 27.50 0.31
C PHE B 27 -10.01 27.18 1.52
N LYS B 28 -10.97 28.03 1.84
CA LYS B 28 -11.84 27.80 3.01
C LYS B 28 -12.97 26.78 2.77
N ASN B 29 -13.34 26.58 1.52
CA ASN B 29 -14.41 25.66 1.14
C ASN B 29 -13.83 24.30 0.70
N ASP B 30 -14.23 23.24 1.42
CA ASP B 30 -13.76 21.88 1.13
C ASP B 30 -14.26 21.31 -0.21
N LYS B 31 -15.11 22.04 -0.93
CA LYS B 31 -15.64 21.58 -2.23
C LYS B 31 -14.93 22.17 -3.45
N THR B 32 -14.15 23.23 -3.25
CA THR B 32 -13.44 23.87 -4.37
C THR B 32 -12.41 22.90 -4.95
N THR B 33 -12.47 22.63 -6.26
CA THR B 33 -11.50 21.71 -6.88
C THR B 33 -10.24 22.41 -7.38
N ASN B 34 -9.15 21.66 -7.49
CA ASN B 34 -7.87 22.17 -7.98
C ASN B 34 -6.96 20.99 -8.33
N GLN B 35 -6.12 21.17 -9.35
CA GLN B 35 -5.17 20.13 -9.71
C GLN B 35 -3.98 20.04 -8.72
N GLN B 36 -3.44 21.18 -8.31
CA GLN B 36 -2.27 21.21 -7.40
C GLN B 36 -2.62 21.31 -5.92
N TRP B 37 -1.99 20.45 -5.12
CA TRP B 37 -2.23 20.38 -3.68
C TRP B 37 -0.94 20.19 -2.88
N VAL B 38 -0.88 20.79 -1.69
CA VAL B 38 0.27 20.59 -0.79
C VAL B 38 -0.32 19.77 0.37
N LEU B 39 0.30 18.62 0.67
CA LEU B 39 -0.16 17.75 1.77
C LEU B 39 0.91 17.49 2.83
N ALA B 40 0.55 17.67 4.10
CA ALA B 40 1.47 17.34 5.20
C ALA B 40 0.77 16.17 5.94
N VAL B 41 1.53 15.12 6.29
CA VAL B 41 0.97 13.93 6.98
C VAL B 41 1.79 13.62 8.24
N PHE B 42 1.12 13.45 9.38
CA PHE B 42 1.81 13.18 10.64
C PHE B 42 1.65 11.74 11.16
N GLY B 43 2.76 11.14 11.59
CA GLY B 43 2.72 9.79 12.15
C GLY B 43 2.46 8.68 11.17
N LEU B 44 2.94 8.87 9.96
CA LEU B 44 2.79 7.91 8.86
C LEU B 44 3.91 6.85 8.85
N ALA B 45 3.57 5.60 8.49
CA ALA B 45 4.55 4.52 8.43
C ALA B 45 5.31 4.57 7.10
N GLU B 46 6.59 4.20 7.14
CA GLU B 46 7.42 4.24 5.95
C GLU B 46 6.91 3.41 4.76
N VAL B 47 6.45 2.19 5.01
CA VAL B 47 5.96 1.35 3.90
C VAL B 47 4.81 2.02 3.13
N PHE B 48 3.94 2.77 3.83
CA PHE B 48 2.82 3.45 3.15
C PHE B 48 3.31 4.70 2.38
N PHE B 49 4.33 5.38 2.92
CA PHE B 49 4.92 6.55 2.25
C PHE B 49 5.46 6.08 0.89
N GLU B 50 6.24 4.98 0.89
CA GLU B 50 6.79 4.44 -0.35
C GLU B 50 5.74 3.95 -1.33
N ALA B 51 4.75 3.22 -0.82
CA ALA B 51 3.68 2.71 -1.67
C ALA B 51 2.88 3.86 -2.31
N SER B 52 2.68 4.95 -1.58
CA SER B 52 1.91 6.09 -2.10
C SER B 52 2.61 6.74 -3.28
N PHE B 53 3.94 6.68 -3.33
CA PHE B 53 4.67 7.27 -4.47
C PHE B 53 4.31 6.47 -5.73
N GLU B 54 4.32 5.14 -5.65
CA GLU B 54 3.99 4.32 -6.81
C GLU B 54 2.52 4.50 -7.24
N LEU B 55 1.59 4.56 -6.29
CA LEU B 55 0.17 4.73 -6.64
C LEU B 55 -0.20 6.14 -7.18
N LEU B 56 0.42 7.20 -6.66
CA LEU B 56 0.11 8.54 -7.13
C LEU B 56 0.67 8.83 -8.53
N LYS B 57 1.82 8.23 -8.86
CA LYS B 57 2.42 8.43 -10.18
C LYS B 57 1.40 8.09 -11.26
N LYS B 58 0.55 7.11 -10.98
CA LYS B 58 -0.47 6.69 -11.93
C LYS B 58 -1.50 7.75 -12.34
N GLN B 59 -1.69 8.78 -11.51
CA GLN B 59 -2.68 9.81 -11.81
C GLN B 59 -2.24 11.26 -11.65
N CYS B 60 -0.95 11.49 -11.71
CA CYS B 60 -0.39 12.83 -11.54
C CYS B 60 0.58 13.17 -12.65
N SER B 61 0.69 14.45 -12.96
CA SER B 61 1.63 14.92 -13.97
C SER B 61 2.96 15.28 -13.29
N PHE B 62 2.92 15.54 -11.97
CA PHE B 62 4.11 15.89 -11.22
C PHE B 62 3.93 15.47 -9.76
N LEU B 63 5.04 15.12 -9.11
CA LEU B 63 5.02 14.70 -7.72
C LEU B 63 6.43 14.92 -7.11
N GLN B 64 6.48 15.45 -5.87
CA GLN B 64 7.76 15.63 -5.14
C GLN B 64 7.41 15.32 -3.68
N MET B 65 8.11 14.34 -3.06
CA MET B 65 7.80 13.91 -1.70
C MET B 65 9.02 13.81 -0.79
N GLN B 66 8.83 14.14 0.49
CA GLN B 66 9.89 14.11 1.51
C GLN B 66 9.30 13.66 2.84
N LYS B 67 10.11 13.02 3.68
CA LYS B 67 9.66 12.54 5.00
C LYS B 67 10.80 12.72 6.02
N ARG B 68 10.49 13.28 7.19
CA ARG B 68 11.52 13.50 8.21
C ARG B 68 11.03 13.19 9.60
N SER B 69 11.95 13.15 10.57
CA SER B 69 11.56 12.86 11.94
C SER B 69 12.63 13.06 13.02
N HIS B 70 12.16 13.03 14.26
CA HIS B 70 13.01 13.14 15.44
C HIS B 70 12.15 12.75 16.64
N GLU B 71 12.75 12.73 17.84
CA GLU B 71 12.03 12.33 19.05
C GLU B 71 10.68 13.02 19.28
N GLY B 72 10.43 14.09 18.54
CA GLY B 72 9.16 14.79 18.68
C GLY B 72 8.08 14.20 17.80
N GLY B 73 8.49 13.55 16.71
CA GLY B 73 7.53 12.95 15.80
C GLY B 73 8.01 12.91 14.36
N THR B 74 7.13 12.47 13.46
CA THR B 74 7.47 12.35 12.04
C THR B 74 6.42 13.04 11.16
N CYS B 75 6.88 13.58 10.04
CA CYS B 75 6.01 14.30 9.09
C CYS B 75 6.52 14.13 7.65
N ALA B 76 5.61 13.95 6.70
CA ALA B 76 6.00 13.83 5.30
C ALA B 76 5.30 14.97 4.57
N VAL B 77 5.92 15.59 3.57
CA VAL B 77 5.28 16.67 2.81
C VAL B 77 5.26 16.27 1.33
N TYR B 78 4.16 16.62 0.65
CA TYR B 78 3.95 16.26 -0.77
C TYR B 78 3.53 17.49 -1.58
N LEU B 79 4.07 17.69 -2.78
CA LEU B 79 3.56 18.74 -3.72
C LEU B 79 2.99 17.79 -4.79
N ILE B 80 1.67 17.80 -5.00
CA ILE B 80 1.01 16.90 -5.92
C ILE B 80 0.29 17.66 -7.03
N CYS B 81 0.49 17.24 -8.26
CA CYS B 81 -0.20 17.85 -9.38
C CYS B 81 -1.05 16.74 -10.07
N PHE B 82 -2.33 16.60 -9.69
CA PHE B 82 -3.22 15.57 -10.26
C PHE B 82 -3.56 15.88 -11.71
N ASN B 83 -3.81 14.82 -12.50
CA ASN B 83 -4.19 15.01 -13.89
C ASN B 83 -5.54 15.71 -13.97
N THR B 84 -6.44 15.34 -13.06
CA THR B 84 -7.81 15.89 -12.98
C THR B 84 -7.98 16.70 -11.69
N ALA B 85 -8.66 17.85 -11.75
CA ALA B 85 -8.86 18.69 -10.56
C ALA B 85 -9.68 17.99 -9.46
N LYS B 86 -9.26 18.13 -8.19
CA LYS B 86 -9.97 17.49 -7.06
C LYS B 86 -10.18 18.46 -5.86
N SER B 87 -11.27 18.25 -5.10
CA SER B 87 -11.59 19.05 -3.93
C SER B 87 -10.86 18.50 -2.70
N ARG B 88 -10.83 19.25 -1.60
CA ARG B 88 -10.18 18.78 -0.38
C ARG B 88 -10.93 17.55 0.14
N GLU B 89 -12.25 17.57 0.08
CA GLU B 89 -13.04 16.40 0.55
C GLU B 89 -12.54 15.15 -0.14
N THR B 90 -12.47 15.20 -1.46
CA THR B 90 -12.01 14.07 -2.27
C THR B 90 -10.56 13.62 -1.99
N VAL B 91 -9.62 14.57 -1.90
CA VAL B 91 -8.20 14.24 -1.63
C VAL B 91 -8.02 13.68 -0.20
N ARG B 92 -8.78 14.25 0.72
CA ARG B 92 -8.73 13.85 2.11
C ARG B 92 -9.12 12.36 2.24
N ASN B 93 -10.22 11.98 1.59
CA ASN B 93 -10.72 10.60 1.61
C ASN B 93 -9.72 9.67 0.90
N LEU B 94 -9.22 10.11 -0.25
CA LEU B 94 -8.25 9.31 -1.01
C LEU B 94 -7.00 8.97 -0.20
N MET B 95 -6.36 10.00 0.33
CA MET B 95 -5.09 9.83 1.06
C MET B 95 -5.16 9.20 2.45
N ALA B 96 -6.25 9.41 3.17
CA ALA B 96 -6.42 8.80 4.51
C ALA B 96 -6.44 7.28 4.30
N ASN B 97 -7.19 6.85 3.29
CA ASN B 97 -7.31 5.44 2.98
C ASN B 97 -6.00 4.87 2.42
N MET B 98 -5.38 5.59 1.49
CA MET B 98 -4.12 5.15 0.87
C MET B 98 -2.97 5.02 1.87
N LEU B 99 -2.92 5.92 2.84
CA LEU B 99 -1.83 5.97 3.81
C LEU B 99 -2.06 5.23 5.15
N ASN B 100 -3.28 4.74 5.34
CA ASN B 100 -3.69 4.02 6.54
C ASN B 100 -3.62 4.93 7.77
N VAL B 101 -4.11 6.15 7.62
CA VAL B 101 -4.12 7.12 8.74
C VAL B 101 -5.50 7.77 8.85
N ARG B 102 -5.78 8.38 10.00
CA ARG B 102 -7.06 9.05 10.20
C ARG B 102 -6.99 10.39 9.48
N GLU B 103 -8.12 10.91 9.02
CA GLU B 103 -8.14 12.19 8.31
C GLU B 103 -7.58 13.34 9.15
N GLU B 104 -7.74 13.23 10.47
CA GLU B 104 -7.24 14.25 11.39
C GLU B 104 -5.73 14.34 11.36
N CYS B 105 -5.08 13.38 10.72
CA CYS B 105 -3.62 13.36 10.64
C CYS B 105 -3.08 14.10 9.42
N LEU B 106 -3.97 14.65 8.60
CA LEU B 106 -3.59 15.36 7.38
C LEU B 106 -3.85 16.87 7.41
N MET B 107 -3.06 17.64 6.63
CA MET B 107 -3.22 19.09 6.45
C MET B 107 -3.15 19.31 4.93
N LEU B 108 -4.18 19.92 4.34
CA LEU B 108 -4.25 20.12 2.89
C LEU B 108 -4.64 21.51 2.45
N GLN B 109 -3.85 22.13 1.57
CA GLN B 109 -4.13 23.45 0.99
C GLN B 109 -3.40 23.54 -0.36
N PRO B 110 -3.86 24.40 -1.29
CA PRO B 110 -3.22 24.57 -2.59
C PRO B 110 -1.90 25.34 -2.32
N PRO B 111 -0.92 25.24 -3.23
CA PRO B 111 0.38 25.92 -3.06
C PRO B 111 0.36 27.46 -3.17
N LYS B 112 1.35 28.11 -2.54
CA LYS B 112 1.51 29.55 -2.68
C LYS B 112 2.33 29.64 -3.99
N ILE B 113 1.68 30.09 -5.07
CA ILE B 113 2.33 30.12 -6.39
C ILE B 113 3.06 31.41 -6.76
N ARG B 114 3.00 32.40 -5.88
CA ARG B 114 3.70 33.66 -6.09
C ARG B 114 4.44 34.05 -4.81
N GLY B 115 5.77 34.15 -4.92
CA GLY B 115 6.62 34.50 -3.78
C GLY B 115 7.92 33.73 -3.92
N LEU B 116 9.08 34.42 -3.89
CA LEU B 116 10.37 33.74 -4.06
C LEU B 116 10.72 32.71 -2.98
N SER B 117 10.51 33.04 -1.70
CA SER B 117 10.85 32.09 -0.66
C SER B 117 10.05 30.80 -0.79
N ALA B 118 8.78 30.92 -1.21
CA ALA B 118 7.95 29.74 -1.34
C ALA B 118 8.46 28.88 -2.48
N ALA B 119 8.80 29.50 -3.61
CA ALA B 119 9.30 28.68 -4.73
C ALA B 119 10.64 28.01 -4.36
N LEU B 120 11.50 28.72 -3.64
CA LEU B 120 12.79 28.14 -3.24
C LEU B 120 12.69 26.95 -2.28
N PHE B 121 11.58 26.81 -1.55
CA PHE B 121 11.45 25.65 -0.67
C PHE B 121 11.45 24.40 -1.54
N TRP B 122 10.74 24.42 -2.66
CA TRP B 122 10.65 23.25 -3.55
C TRP B 122 11.96 23.06 -4.32
N PHE B 123 12.58 24.15 -4.74
CA PHE B 123 13.86 24.08 -5.47
C PHE B 123 14.92 23.44 -4.55
N LYS B 124 15.01 23.90 -3.30
CA LYS B 124 15.97 23.34 -2.33
C LYS B 124 15.71 21.86 -2.10
N SER B 125 14.42 21.50 -1.99
CA SER B 125 14.05 20.10 -1.78
C SER B 125 14.49 19.21 -2.94
N SER B 126 14.46 19.74 -4.15
CA SER B 126 14.86 18.97 -5.32
C SER B 126 16.36 18.64 -5.40
N LEU B 127 17.15 19.28 -4.54
CA LEU B 127 18.60 19.05 -4.53
C LEU B 127 19.03 17.93 -3.55
N SER B 128 18.09 17.46 -2.73
CA SER B 128 18.36 16.39 -1.77
C SER B 128 18.22 15.05 -2.49
N PRO B 129 19.14 14.11 -2.21
CA PRO B 129 19.09 12.79 -2.85
C PRO B 129 17.97 11.90 -2.27
N ALA B 130 17.50 12.26 -1.08
CA ALA B 130 16.42 11.54 -0.39
C ALA B 130 15.03 11.82 -0.96
N THR B 131 14.88 12.96 -1.66
CA THR B 131 13.58 13.35 -2.23
C THR B 131 13.11 12.47 -3.40
N LEU B 132 11.84 12.07 -3.36
CA LEU B 132 11.24 11.25 -4.42
C LEU B 132 10.63 12.18 -5.48
N LYS B 133 10.94 11.95 -6.75
CA LYS B 133 10.45 12.83 -7.81
C LYS B 133 9.84 12.16 -9.01
N HIS B 134 8.89 12.85 -9.62
CA HIS B 134 8.21 12.37 -10.83
C HIS B 134 7.71 13.56 -11.65
N GLY B 135 7.99 13.53 -12.95
CA GLY B 135 7.53 14.60 -13.83
C GLY B 135 8.35 15.87 -13.90
N ALA B 136 7.93 16.77 -14.78
CA ALA B 136 8.61 18.03 -14.96
C ALA B 136 8.14 19.09 -13.95
N LEU B 137 9.10 19.82 -13.40
CA LEU B 137 8.85 20.86 -12.41
C LEU B 137 7.81 21.88 -12.90
N PRO B 138 6.83 22.25 -12.04
CA PRO B 138 5.81 23.23 -12.44
C PRO B 138 6.43 24.55 -12.91
N GLU B 139 5.82 25.16 -13.93
CA GLU B 139 6.33 26.43 -14.48
C GLU B 139 6.46 27.55 -13.45
N TRP B 140 5.55 27.65 -12.47
CA TRP B 140 5.68 28.72 -11.47
C TRP B 140 6.94 28.57 -10.60
N ILE B 141 7.43 27.35 -10.42
CA ILE B 141 8.66 27.16 -9.65
C ILE B 141 9.87 27.49 -10.54
N ARG B 142 9.89 26.89 -11.74
CA ARG B 142 10.99 27.11 -12.69
C ARG B 142 11.21 28.62 -13.00
N ALA B 143 10.13 29.34 -13.30
CA ALA B 143 10.23 30.77 -13.63
C ALA B 143 10.75 31.69 -12.54
N GLN B 144 10.40 31.42 -11.29
CA GLN B 144 10.85 32.29 -10.21
C GLN B 144 12.25 31.91 -9.71
N THR B 145 12.73 30.72 -10.06
CA THR B 145 14.06 30.31 -9.60
C THR B 145 15.14 30.25 -10.69
N THR B 146 14.91 30.94 -11.81
CA THR B 146 15.85 31.00 -12.94
C THR B 146 16.15 32.45 -13.34
N LEU B 147 17.43 32.76 -13.54
CA LEU B 147 17.85 34.11 -13.92
C LEU B 147 17.18 34.57 -15.23
N ASN B 148 16.32 35.59 -15.14
CA ASN B 148 15.64 36.09 -16.33
C ASN B 148 16.57 37.06 -17.06
#